data_6T2W
#
_entry.id   6T2W
#
_cell.length_a   81.040
_cell.length_b   81.040
_cell.length_c   146.000
_cell.angle_alpha   90.000
_cell.angle_beta   90.000
_cell.angle_gamma   120.000
#
_symmetry.space_group_name_H-M   'H 3'
#
loop_
_entity.id
_entity.type
_entity.pdbx_description
1 polymer 'Macrophage colony-stimulating factor 1 receptor'
2 non-polymer 2-[(4-methoxy-2-methyl-phenyl)amino]-7-methyl-9-(4-oxidanylcyclohexyl)purin-8-one
3 non-polymer 'SULFATE ION'
4 water water
#
_entity_poly.entity_id   1
_entity_poly.type   'polypeptide(L)'
_entity_poly.pdbx_seq_one_letter_code
;QKPKYQVRWKIIESYEGNSYTFIDPTQLPYNEKWEFPRNNLQFGKTLGAGAFGKVVEATAFGLGKEDAVLKVAVKMLKST
AHADEKEALMSELKIMSHLGQHENIVNLLGACTHGGPVLVITEYCCYGDLLNFLRRKAEAMLGPSLSPGQDPEGLDKEDG
RPLELRDLLHFSSQVAQGMAFLASKNCIHRDVAARNVLLTNGHVAKIGDFGLARDIMNDSNYIVKGNARLPVKWMAPESI
FDCVYTVQSDVWSYGILLWEIFSLGLNPYPGILVNSKFYKLVKDGYQMAQPAFAPKNIYSIMQACWALEPTHRPTFQQIC
SFLQEQAQEDRR
;
_entity_poly.pdbx_strand_id   A
#
loop_
_chem_comp.id
_chem_comp.type
_chem_comp.name
_chem_comp.formula
M9T non-polymer 2-[(4-methoxy-2-methyl-phenyl)amino]-7-methyl-9-(4-oxidanylcyclohexyl)purin-8-one 'C20 H25 N5 O3'
SO4 non-polymer 'SULFATE ION' 'O4 S -2'
#
# COMPACT_ATOMS: atom_id res chain seq x y z
N GLN A 6 9.13 10.47 -0.86
CA GLN A 6 8.19 9.91 -1.83
C GLN A 6 7.23 8.90 -1.19
N VAL A 7 6.11 8.61 -1.89
CA VAL A 7 5.07 7.68 -1.42
C VAL A 7 4.80 6.61 -2.49
N ARG A 8 5.83 6.31 -3.30
CA ARG A 8 5.77 5.31 -4.35
C ARG A 8 6.73 4.18 -4.07
N TRP A 9 6.44 3.03 -4.65
CA TRP A 9 7.32 1.86 -4.50
C TRP A 9 8.62 2.09 -5.21
N LYS A 10 9.70 1.54 -4.66
CA LYS A 10 11.02 1.70 -5.26
C LYS A 10 11.87 0.44 -5.03
N ILE A 11 12.65 0.06 -6.04
CA ILE A 11 13.59 -1.07 -5.95
C ILE A 11 14.89 -0.48 -5.45
N ILE A 12 15.44 -1.08 -4.40
CA ILE A 12 16.71 -0.62 -3.82
C ILE A 12 17.79 -1.68 -3.99
N GLU A 13 19.06 -1.32 -3.73
CA GLU A 13 20.17 -2.28 -3.78
C GLU A 13 20.34 -2.97 -2.42
N SER A 14 20.80 -4.24 -2.40
CA SER A 14 21.04 -4.96 -1.13
C SER A 14 22.22 -5.90 -1.22
N TYR A 15 23.17 -5.78 -0.27
CA TYR A 15 24.36 -6.64 -0.22
C TYR A 15 24.43 -7.44 1.07
N ASN A 18 20.89 -12.02 0.91
CA ASN A 18 19.52 -12.55 0.90
C ASN A 18 18.95 -12.45 -0.53
N SER A 19 18.48 -11.25 -0.88
CA SER A 19 17.97 -10.95 -2.22
C SER A 19 18.92 -9.95 -2.90
N TYR A 20 19.15 -10.12 -4.21
CA TYR A 20 20.11 -9.32 -4.96
C TYR A 20 19.41 -8.58 -6.08
N THR A 21 19.77 -7.30 -6.24
CA THR A 21 19.20 -6.44 -7.28
C THR A 21 20.18 -6.44 -8.48
N PHE A 22 19.85 -7.21 -9.53
CA PHE A 22 20.71 -7.23 -10.69
C PHE A 22 20.39 -6.08 -11.62
N ILE A 23 19.11 -5.70 -11.68
CA ILE A 23 18.60 -4.68 -12.61
C ILE A 23 17.66 -3.70 -11.89
N ASP A 24 17.57 -2.47 -12.43
CA ASP A 24 16.63 -1.46 -11.98
C ASP A 24 15.63 -1.40 -13.15
N PRO A 25 14.47 -2.05 -13.00
CA PRO A 25 13.48 -2.08 -14.11
C PRO A 25 13.00 -0.72 -14.63
N THR A 26 13.04 0.32 -13.78
CA THR A 26 12.64 1.68 -14.15
C THR A 26 13.60 2.30 -15.16
N GLN A 27 14.86 1.84 -15.16
CA GLN A 27 15.91 2.36 -16.03
C GLN A 27 16.01 1.63 -17.36
N LEU A 28 15.07 0.71 -17.63
CA LEU A 28 15.03 -0.15 -18.81
C LEU A 28 13.71 -0.02 -19.60
N PRO A 29 13.64 -0.44 -20.90
CA PRO A 29 12.37 -0.32 -21.64
C PRO A 29 11.23 -1.19 -21.11
N TYR A 30 10.00 -0.85 -21.52
CA TYR A 30 8.81 -1.58 -21.14
C TYR A 30 8.67 -2.87 -21.96
N ASN A 31 8.22 -3.96 -21.32
CA ASN A 31 7.99 -5.26 -21.96
C ASN A 31 6.62 -5.24 -22.65
N GLU A 32 6.64 -5.22 -23.98
CA GLU A 32 5.48 -5.15 -24.87
C GLU A 32 4.54 -6.38 -24.78
N LYS A 33 4.89 -7.38 -23.94
CA LYS A 33 4.04 -8.55 -23.73
C LYS A 33 2.75 -8.16 -22.97
N TRP A 34 2.75 -7.00 -22.29
CA TRP A 34 1.57 -6.54 -21.53
C TRP A 34 0.55 -5.78 -22.35
N GLU A 35 0.87 -5.46 -23.60
CA GLU A 35 0.02 -4.66 -24.46
C GLU A 35 -1.39 -5.25 -24.68
N PHE A 36 -2.42 -4.44 -24.39
CA PHE A 36 -3.84 -4.83 -24.50
C PHE A 36 -4.56 -3.80 -25.40
N PRO A 37 -5.53 -4.18 -26.28
CA PRO A 37 -6.17 -3.16 -27.15
C PRO A 37 -7.08 -2.23 -26.34
N ARG A 38 -6.83 -0.91 -26.40
CA ARG A 38 -7.63 0.04 -25.61
C ARG A 38 -9.12 0.05 -25.97
N ASN A 39 -9.46 -0.28 -27.23
CA ASN A 39 -10.87 -0.31 -27.63
C ASN A 39 -11.61 -1.47 -27.01
N ASN A 40 -10.89 -2.42 -26.38
CA ASN A 40 -11.47 -3.54 -25.64
C ASN A 40 -11.71 -3.22 -24.16
N LEU A 41 -11.63 -1.92 -23.81
CA LEU A 41 -11.93 -1.39 -22.46
C LEU A 41 -13.16 -0.52 -22.58
N GLN A 42 -14.07 -0.62 -21.61
CA GLN A 42 -15.26 0.21 -21.51
C GLN A 42 -15.18 0.87 -20.15
N PHE A 43 -14.99 2.20 -20.09
CA PHE A 43 -14.81 2.89 -18.83
C PHE A 43 -16.08 3.13 -18.08
N GLY A 44 -15.94 3.12 -16.75
CA GLY A 44 -17.04 3.41 -15.83
C GLY A 44 -16.67 4.58 -14.92
N LYS A 45 -16.98 4.44 -13.64
CA LYS A 45 -16.73 5.49 -12.66
C LYS A 45 -15.26 5.61 -12.23
N THR A 46 -14.88 6.84 -11.85
CA THR A 46 -13.56 7.17 -11.32
C THR A 46 -13.53 6.71 -9.87
N LEU A 47 -12.50 5.93 -9.48
CA LEU A 47 -12.33 5.41 -8.13
C LEU A 47 -11.60 6.36 -7.21
N GLY A 48 -10.73 7.15 -7.80
CA GLY A 48 -9.92 8.12 -7.08
C GLY A 48 -8.98 8.81 -8.02
N ALA A 49 -8.35 9.89 -7.54
CA ALA A 49 -7.45 10.70 -8.34
C ALA A 49 -6.51 11.48 -7.44
N GLY A 50 -5.29 11.63 -7.91
CA GLY A 50 -4.25 12.41 -7.26
C GLY A 50 -4.04 13.69 -8.04
N ALA A 51 -2.92 14.40 -7.82
CA ALA A 51 -2.64 15.62 -8.53
C ALA A 51 -2.41 15.40 -10.03
N PHE A 52 -1.78 14.25 -10.40
CA PHE A 52 -1.41 14.02 -11.80
C PHE A 52 -1.91 12.72 -12.46
N GLY A 53 -2.54 11.87 -11.65
CA GLY A 53 -3.09 10.61 -12.12
C GLY A 53 -4.47 10.32 -11.57
N LYS A 54 -5.14 9.34 -12.17
CA LYS A 54 -6.46 8.91 -11.72
C LYS A 54 -6.66 7.46 -12.05
N VAL A 55 -7.59 6.82 -11.35
CA VAL A 55 -7.93 5.41 -11.52
C VAL A 55 -9.39 5.31 -11.79
N VAL A 56 -9.73 4.59 -12.86
CA VAL A 56 -11.11 4.46 -13.29
C VAL A 56 -11.43 2.99 -13.41
N GLU A 57 -12.66 2.58 -13.00
CA GLU A 57 -13.06 1.20 -13.18
C GLU A 57 -13.38 1.01 -14.68
N ALA A 58 -13.21 -0.22 -15.17
CA ALA A 58 -13.54 -0.52 -16.57
C ALA A 58 -13.86 -1.98 -16.67
N THR A 59 -14.54 -2.36 -17.74
CA THR A 59 -14.74 -3.75 -18.08
C THR A 59 -13.71 -4.00 -19.17
N ALA A 60 -12.88 -5.04 -19.02
CA ALA A 60 -11.90 -5.41 -20.08
C ALA A 60 -12.47 -6.64 -20.79
N PHE A 61 -12.55 -6.59 -22.13
CA PHE A 61 -13.12 -7.66 -22.96
C PHE A 61 -12.02 -8.50 -23.63
N GLY A 62 -11.88 -9.73 -23.18
CA GLY A 62 -10.90 -10.66 -23.72
C GLY A 62 -9.50 -10.42 -23.17
N LEU A 63 -9.39 -10.32 -21.84
CA LEU A 63 -8.13 -10.09 -21.16
C LEU A 63 -7.45 -11.36 -20.63
N GLY A 64 -6.19 -11.56 -21.02
CA GLY A 64 -5.36 -12.67 -20.55
C GLY A 64 -5.52 -14.01 -21.25
N LYS A 65 -4.94 -15.06 -20.63
CA LYS A 65 -4.92 -16.45 -21.08
C LYS A 65 -6.30 -17.07 -21.18
N GLU A 66 -7.19 -16.72 -20.23
CA GLU A 66 -8.55 -17.24 -20.14
C GLU A 66 -9.58 -16.40 -20.94
N ASP A 67 -9.12 -15.36 -21.69
CA ASP A 67 -9.94 -14.45 -22.54
C ASP A 67 -11.19 -13.94 -21.77
N ALA A 68 -11.00 -13.67 -20.47
CA ALA A 68 -12.02 -13.25 -19.53
C ALA A 68 -12.61 -11.88 -19.85
N VAL A 69 -13.85 -11.65 -19.39
CA VAL A 69 -14.54 -10.38 -19.46
C VAL A 69 -14.66 -10.00 -18.00
N LEU A 70 -13.87 -9.01 -17.55
CA LEU A 70 -13.89 -8.68 -16.14
C LEU A 70 -13.73 -7.22 -15.81
N LYS A 71 -14.16 -6.87 -14.61
CA LYS A 71 -14.02 -5.54 -14.07
C LYS A 71 -12.55 -5.40 -13.67
N VAL A 72 -11.94 -4.30 -14.10
CA VAL A 72 -10.54 -4.00 -13.86
C VAL A 72 -10.41 -2.55 -13.39
N ALA A 73 -9.21 -2.17 -12.90
CA ALA A 73 -8.92 -0.79 -12.52
C ALA A 73 -7.90 -0.26 -13.53
N VAL A 74 -8.19 0.90 -14.12
CA VAL A 74 -7.27 1.44 -15.12
C VAL A 74 -6.65 2.76 -14.60
N LYS A 75 -5.32 2.83 -14.48
CA LYS A 75 -4.59 4.06 -14.07
C LYS A 75 -4.20 4.85 -15.33
N MET A 76 -4.29 6.18 -15.25
CA MET A 76 -3.95 7.04 -16.40
C MET A 76 -3.62 8.43 -15.89
N LEU A 77 -3.06 9.27 -16.76
CA LEU A 77 -2.70 10.64 -16.42
C LEU A 77 -3.90 11.57 -16.52
N LYS A 78 -3.84 12.67 -15.76
CA LYS A 78 -4.80 13.76 -15.81
C LYS A 78 -4.21 14.82 -16.76
N SER A 79 -5.02 15.84 -17.12
CA SER A 79 -4.64 16.97 -17.99
C SER A 79 -3.40 17.73 -17.47
N THR A 80 -3.20 17.78 -16.14
CA THR A 80 -2.08 18.47 -15.47
C THR A 80 -0.71 17.80 -15.68
N ALA A 81 -0.70 16.53 -16.13
CA ALA A 81 0.53 15.75 -16.31
C ALA A 81 1.39 16.18 -17.49
N HIS A 82 2.71 16.20 -17.26
CA HIS A 82 3.74 16.51 -18.25
C HIS A 82 4.71 15.32 -18.32
N ALA A 83 5.84 15.47 -19.03
CA ALA A 83 6.86 14.41 -19.21
C ALA A 83 7.23 13.66 -17.94
N ASP A 84 7.52 14.37 -16.82
CA ASP A 84 7.90 13.77 -15.53
C ASP A 84 6.82 12.84 -14.97
N GLU A 85 5.55 13.24 -15.10
CA GLU A 85 4.44 12.41 -14.61
C GLU A 85 4.22 11.20 -15.51
N LYS A 86 4.41 11.39 -16.83
CA LYS A 86 4.30 10.28 -17.78
C LYS A 86 5.37 9.22 -17.46
N GLU A 87 6.62 9.68 -17.15
CA GLU A 87 7.74 8.82 -16.75
C GLU A 87 7.39 8.06 -15.49
N ALA A 88 6.83 8.77 -14.45
CA ALA A 88 6.46 8.11 -13.20
C ALA A 88 5.45 6.97 -13.40
N LEU A 89 4.47 7.15 -14.30
CA LEU A 89 3.49 6.08 -14.60
C LEU A 89 4.16 4.92 -15.29
N MET A 90 5.03 5.19 -16.27
CA MET A 90 5.79 4.16 -16.99
C MET A 90 6.70 3.40 -15.99
N SER A 91 7.31 4.14 -15.07
CA SER A 91 8.15 3.59 -14.01
C SER A 91 7.34 2.65 -13.10
N GLU A 92 6.11 3.02 -12.74
CA GLU A 92 5.28 2.14 -11.91
C GLU A 92 4.92 0.86 -12.70
N LEU A 93 4.64 1.02 -14.00
CA LEU A 93 4.31 -0.11 -14.89
C LEU A 93 5.51 -1.06 -15.00
N LYS A 94 6.72 -0.50 -15.10
CA LYS A 94 7.96 -1.27 -15.21
C LYS A 94 8.27 -2.06 -13.96
N ILE A 95 8.01 -1.46 -12.78
CA ILE A 95 8.18 -2.13 -11.50
C ILE A 95 7.23 -3.32 -11.37
N MET A 96 5.94 -3.10 -11.65
CA MET A 96 4.93 -4.14 -11.55
C MET A 96 5.19 -5.30 -12.53
N SER A 97 5.68 -5.00 -13.76
CA SER A 97 6.01 -6.07 -14.69
C SER A 97 7.21 -6.91 -14.17
N HIS A 98 8.15 -6.27 -13.47
CA HIS A 98 9.34 -6.92 -12.92
C HIS A 98 9.07 -7.79 -11.70
N LEU A 99 8.27 -7.29 -10.75
CA LEU A 99 7.98 -7.99 -9.48
C LEU A 99 7.35 -9.37 -9.64
N GLY A 100 6.45 -9.50 -10.60
CA GLY A 100 5.71 -10.75 -10.78
C GLY A 100 4.46 -10.73 -9.93
N GLN A 101 3.67 -11.79 -10.03
CA GLN A 101 2.38 -11.93 -9.36
C GLN A 101 2.49 -12.37 -7.91
N HIS A 102 1.56 -11.88 -7.08
CA HIS A 102 1.43 -12.34 -5.70
C HIS A 102 -0.05 -12.18 -5.31
N GLU A 103 -0.57 -13.13 -4.53
CA GLU A 103 -1.99 -13.10 -4.14
C GLU A 103 -2.35 -11.90 -3.26
N ASN A 104 -1.37 -11.27 -2.59
CA ASN A 104 -1.72 -10.11 -1.76
C ASN A 104 -1.26 -8.80 -2.33
N ILE A 105 -1.04 -8.75 -3.66
CA ILE A 105 -0.68 -7.52 -4.35
C ILE A 105 -1.78 -7.27 -5.40
N VAL A 106 -2.02 -5.99 -5.71
CA VAL A 106 -2.96 -5.57 -6.77
C VAL A 106 -2.13 -5.83 -8.05
N ASN A 107 -2.40 -6.96 -8.69
CA ASN A 107 -1.56 -7.40 -9.81
C ASN A 107 -1.70 -6.60 -11.10
N LEU A 108 -0.61 -6.53 -11.87
CA LEU A 108 -0.63 -5.94 -13.20
C LEU A 108 -1.31 -6.94 -14.16
N LEU A 109 -2.27 -6.45 -14.96
CA LEU A 109 -2.99 -7.32 -15.91
C LEU A 109 -2.70 -6.96 -17.37
N GLY A 110 -2.35 -5.72 -17.62
CA GLY A 110 -2.09 -5.28 -18.99
C GLY A 110 -1.78 -3.80 -19.07
N ALA A 111 -1.51 -3.31 -20.28
CA ALA A 111 -1.23 -1.88 -20.45
C ALA A 111 -1.55 -1.47 -21.88
N CYS A 112 -1.83 -0.18 -22.08
CA CYS A 112 -2.09 0.38 -23.42
C CYS A 112 -1.12 1.51 -23.54
N THR A 113 0.02 1.30 -24.19
CA THR A 113 1.05 2.35 -24.28
C THR A 113 1.12 2.98 -25.68
N HIS A 114 0.33 2.45 -26.66
CA HIS A 114 0.29 2.96 -28.02
C HIS A 114 -1.13 3.28 -28.43
N GLY A 115 -1.29 4.11 -29.45
CA GLY A 115 -2.60 4.49 -29.96
C GLY A 115 -3.39 5.42 -29.05
N GLY A 116 -2.70 6.10 -28.15
CA GLY A 116 -3.35 7.02 -27.23
C GLY A 116 -2.64 7.15 -25.90
N PRO A 117 -3.28 7.85 -24.93
CA PRO A 117 -2.65 8.03 -23.61
C PRO A 117 -2.33 6.71 -22.94
N VAL A 118 -1.26 6.69 -22.14
CA VAL A 118 -0.82 5.51 -21.43
C VAL A 118 -1.88 5.04 -20.41
N LEU A 119 -2.26 3.78 -20.49
CA LEU A 119 -3.20 3.16 -19.54
C LEU A 119 -2.51 1.95 -18.89
N VAL A 120 -2.64 1.82 -17.57
CA VAL A 120 -2.07 0.68 -16.81
C VAL A 120 -3.24 -0.03 -16.15
N ILE A 121 -3.49 -1.26 -16.60
CA ILE A 121 -4.61 -2.08 -16.18
C ILE A 121 -4.18 -2.99 -15.04
N THR A 122 -4.85 -2.89 -13.90
CA THR A 122 -4.53 -3.72 -12.74
C THR A 122 -5.81 -4.33 -12.22
N GLU A 123 -5.69 -5.20 -11.23
CA GLU A 123 -6.85 -5.81 -10.59
C GLU A 123 -7.76 -4.78 -9.95
N TYR A 124 -9.08 -5.03 -10.04
CA TYR A 124 -10.10 -4.22 -9.39
C TYR A 124 -10.41 -4.87 -8.04
N CYS A 125 -10.47 -4.06 -6.96
CA CYS A 125 -10.77 -4.55 -5.60
C CYS A 125 -12.16 -4.07 -5.18
N CYS A 126 -13.15 -4.97 -5.32
CA CYS A 126 -14.58 -4.67 -5.20
C CYS A 126 -15.04 -4.15 -3.84
N TYR A 127 -14.30 -4.39 -2.74
CA TYR A 127 -14.80 -3.94 -1.44
C TYR A 127 -14.17 -2.62 -0.95
N GLY A 128 -13.31 -2.04 -1.75
CA GLY A 128 -12.69 -0.76 -1.42
C GLY A 128 -11.57 -0.84 -0.41
N ASP A 129 -11.24 0.31 0.23
CA ASP A 129 -10.12 0.32 1.15
C ASP A 129 -10.50 -0.25 2.52
N LEU A 130 -9.50 -0.81 3.15
CA LEU A 130 -9.61 -1.43 4.48
C LEU A 130 -10.06 -0.44 5.56
N LEU A 131 -9.52 0.78 5.53
CA LEU A 131 -9.88 1.80 6.51
C LEU A 131 -11.38 2.08 6.57
N ASN A 132 -11.97 2.35 5.41
CA ASN A 132 -13.41 2.62 5.35
C ASN A 132 -14.18 1.38 5.80
N PHE A 133 -13.70 0.17 5.37
CA PHE A 133 -14.38 -1.08 5.72
C PHE A 133 -14.47 -1.28 7.25
N LEU A 134 -13.34 -1.07 7.96
CA LEU A 134 -13.25 -1.21 9.41
C LEU A 134 -14.17 -0.23 10.09
N ARG A 135 -14.17 1.04 9.63
CA ARG A 135 -15.02 2.10 10.20
C ARG A 135 -16.49 1.77 10.05
N ARG A 136 -16.90 1.31 8.86
CA ARG A 136 -18.31 0.99 8.63
C ARG A 136 -18.76 -0.21 9.48
N LYS A 137 -17.89 -1.22 9.62
CA LYS A 137 -18.22 -2.39 10.43
C LYS A 137 -18.32 -2.05 11.91
N ALA A 138 -17.43 -1.18 12.39
CA ALA A 138 -17.39 -0.77 13.79
C ALA A 138 -18.66 0.00 14.18
N GLU A 139 -19.24 0.78 13.27
CA GLU A 139 -20.39 1.62 13.61
C GLU A 139 -21.76 1.00 13.28
N ALA A 140 -21.78 -0.20 12.66
CA ALA A 140 -23.00 -0.89 12.30
C ALA A 140 -24.01 -0.98 13.46
N MET A 141 -25.29 -0.73 13.17
CA MET A 141 -26.33 -0.81 14.21
C MET A 141 -26.76 -2.25 14.48
N LEU A 142 -26.72 -3.12 13.46
CA LEU A 142 -27.13 -4.53 13.59
C LEU A 142 -26.13 -5.34 14.42
N ARG A 161 -22.70 -9.31 8.95
CA ARG A 161 -21.96 -10.25 9.82
C ARG A 161 -20.83 -9.50 10.51
N PRO A 162 -20.86 -9.36 11.86
CA PRO A 162 -19.83 -8.57 12.54
C PRO A 162 -18.44 -9.16 12.41
N LEU A 163 -17.40 -8.31 12.51
CA LEU A 163 -16.02 -8.75 12.42
C LEU A 163 -15.66 -9.62 13.61
N GLU A 164 -14.75 -10.58 13.39
CA GLU A 164 -14.24 -11.46 14.45
C GLU A 164 -12.73 -11.27 14.46
N LEU A 165 -12.08 -11.69 15.55
CA LEU A 165 -10.63 -11.64 15.68
C LEU A 165 -9.95 -12.35 14.50
N ARG A 166 -10.50 -13.50 14.03
CA ARG A 166 -9.96 -14.26 12.88
C ARG A 166 -9.88 -13.37 11.62
N ASP A 167 -10.90 -12.50 11.39
CA ASP A 167 -10.91 -11.55 10.25
C ASP A 167 -9.74 -10.56 10.36
N LEU A 168 -9.53 -9.98 11.54
CA LEU A 168 -8.45 -9.03 11.80
C LEU A 168 -7.08 -9.71 11.64
N LEU A 169 -6.96 -10.94 12.11
CA LEU A 169 -5.70 -11.70 11.97
C LEU A 169 -5.44 -11.99 10.49
N HIS A 170 -6.51 -12.33 9.74
CA HIS A 170 -6.39 -12.58 8.29
C HIS A 170 -5.89 -11.32 7.58
N PHE A 171 -6.48 -10.14 7.85
CA PHE A 171 -6.02 -8.90 7.20
C PHE A 171 -4.57 -8.65 7.48
N SER A 172 -4.17 -8.80 8.75
CA SER A 172 -2.81 -8.58 9.22
C SER A 172 -1.85 -9.53 8.51
N SER A 173 -2.21 -10.83 8.42
CA SER A 173 -1.39 -11.87 7.77
C SER A 173 -1.24 -11.64 6.27
N GLN A 174 -2.34 -11.28 5.61
CA GLN A 174 -2.38 -11.03 4.16
C GLN A 174 -1.50 -9.84 3.79
N VAL A 175 -1.57 -8.74 4.56
CA VAL A 175 -0.67 -7.58 4.31
C VAL A 175 0.80 -7.97 4.58
N ALA A 176 1.07 -8.67 5.71
CA ALA A 176 2.43 -9.11 6.03
C ALA A 176 3.01 -9.98 4.88
N GLN A 177 2.19 -10.87 4.28
CA GLN A 177 2.65 -11.75 3.18
C GLN A 177 2.96 -10.89 1.94
N GLY A 178 2.12 -9.90 1.65
CA GLY A 178 2.37 -8.98 0.53
C GLY A 178 3.66 -8.19 0.77
N MET A 179 3.86 -7.73 2.01
CA MET A 179 5.07 -6.98 2.40
C MET A 179 6.33 -7.89 2.41
N ALA A 180 6.21 -9.16 2.87
CA ALA A 180 7.36 -10.10 2.82
C ALA A 180 7.73 -10.35 1.33
N PHE A 181 6.73 -10.38 0.43
CA PHE A 181 6.97 -10.53 -1.02
C PHE A 181 7.78 -9.32 -1.55
N LEU A 182 7.34 -8.08 -1.23
CA LEU A 182 8.06 -6.88 -1.69
C LEU A 182 9.49 -6.88 -1.13
N ALA A 183 9.66 -7.19 0.17
CA ALA A 183 11.00 -7.24 0.79
C ALA A 183 11.92 -8.26 0.11
N SER A 184 11.36 -9.41 -0.34
CA SER A 184 12.14 -10.45 -1.01
C SER A 184 12.64 -10.01 -2.38
N LYS A 185 12.03 -8.94 -2.94
CA LYS A 185 12.34 -8.35 -4.25
C LYS A 185 13.11 -7.02 -4.10
N ASN A 186 13.59 -6.73 -2.87
CA ASN A 186 14.27 -5.48 -2.49
C ASN A 186 13.42 -4.25 -2.87
N CYS A 187 12.10 -4.36 -2.64
CA CYS A 187 11.15 -3.31 -2.99
C CYS A 187 10.59 -2.70 -1.70
N ILE A 188 10.69 -1.37 -1.58
CA ILE A 188 10.16 -0.57 -0.47
C ILE A 188 8.80 0.01 -0.89
N HIS A 189 7.87 0.08 0.03
CA HIS A 189 6.49 0.52 -0.23
C HIS A 189 6.35 2.03 -0.03
N ARG A 190 6.79 2.53 1.16
CA ARG A 190 6.83 3.94 1.57
C ARG A 190 5.45 4.57 1.88
N ASP A 191 4.33 3.82 1.86
CA ASP A 191 3.04 4.43 2.27
C ASP A 191 2.12 3.36 2.88
N VAL A 192 2.68 2.49 3.75
CA VAL A 192 1.88 1.43 4.40
C VAL A 192 0.89 2.12 5.35
N ALA A 193 -0.42 1.85 5.19
CA ALA A 193 -1.50 2.48 5.98
C ALA A 193 -2.79 1.76 5.59
N ALA A 194 -3.80 1.73 6.49
CA ALA A 194 -5.08 1.06 6.20
C ALA A 194 -5.76 1.67 4.97
N ARG A 195 -5.56 2.99 4.74
CA ARG A 195 -6.17 3.62 3.54
C ARG A 195 -5.58 3.03 2.24
N ASN A 196 -4.37 2.44 2.31
CA ASN A 196 -3.67 1.86 1.18
C ASN A 196 -3.74 0.33 1.10
N VAL A 197 -4.65 -0.28 1.85
CA VAL A 197 -4.87 -1.71 1.78
C VAL A 197 -6.27 -1.84 1.19
N LEU A 198 -6.42 -2.66 0.13
CA LEU A 198 -7.71 -2.84 -0.54
C LEU A 198 -8.22 -4.23 -0.30
N LEU A 199 -9.55 -4.41 -0.37
CA LEU A 199 -10.20 -5.70 -0.14
C LEU A 199 -10.90 -6.14 -1.40
N THR A 200 -10.56 -7.36 -1.82
CA THR A 200 -11.10 -7.95 -3.03
C THR A 200 -12.02 -9.12 -2.69
N ASN A 201 -12.41 -9.96 -3.68
CA ASN A 201 -13.30 -11.13 -3.46
C ASN A 201 -12.84 -11.94 -2.26
N GLY A 202 -13.79 -12.35 -1.44
CA GLY A 202 -13.52 -13.07 -0.19
C GLY A 202 -12.98 -12.17 0.92
N HIS A 203 -13.01 -10.82 0.71
CA HIS A 203 -12.45 -9.80 1.61
C HIS A 203 -10.95 -10.05 1.86
N VAL A 204 -10.26 -10.53 0.83
CA VAL A 204 -8.80 -10.78 0.85
C VAL A 204 -8.10 -9.43 0.68
N ALA A 205 -7.11 -9.13 1.56
CA ALA A 205 -6.38 -7.88 1.50
C ALA A 205 -5.27 -7.87 0.45
N LYS A 206 -5.13 -6.73 -0.27
CA LYS A 206 -4.09 -6.54 -1.29
C LYS A 206 -3.44 -5.16 -1.12
N ILE A 207 -2.14 -5.09 -1.34
CA ILE A 207 -1.41 -3.82 -1.30
C ILE A 207 -1.05 -3.45 -2.74
N GLY A 208 -0.74 -2.19 -2.97
CA GLY A 208 -0.38 -1.72 -4.30
C GLY A 208 0.27 -0.37 -4.23
N ASP A 209 0.81 0.10 -5.35
CA ASP A 209 1.39 1.43 -5.35
C ASP A 209 0.28 2.40 -5.78
N PHE A 210 -0.32 3.11 -4.82
CA PHE A 210 -1.44 4.04 -5.12
C PHE A 210 -1.02 5.50 -5.07
N GLY A 211 0.28 5.76 -5.05
CA GLY A 211 0.81 7.10 -4.93
C GLY A 211 0.44 8.08 -6.02
N LEU A 212 0.16 7.58 -7.23
CA LEU A 212 -0.12 8.48 -8.35
C LEU A 212 -1.61 8.73 -8.50
N ALA A 213 -2.42 7.84 -7.93
CA ALA A 213 -3.87 7.95 -8.07
C ALA A 213 -4.64 8.22 -6.81
N ARG A 214 -3.99 8.26 -5.66
CA ARG A 214 -4.72 8.55 -4.44
C ARG A 214 -4.75 10.07 -4.12
N ASP A 215 -5.84 10.52 -3.49
CA ASP A 215 -6.04 11.95 -3.23
C ASP A 215 -5.20 12.44 -2.05
N ILE A 216 -3.96 12.81 -2.32
CA ILE A 216 -3.03 13.29 -1.28
C ILE A 216 -3.29 14.76 -0.89
N MET A 217 -3.46 15.63 -1.88
CA MET A 217 -3.66 17.05 -1.71
C MET A 217 -4.81 17.41 -0.77
N ASN A 218 -5.92 16.64 -0.83
CA ASN A 218 -7.12 16.95 -0.02
C ASN A 218 -7.27 16.08 1.22
N ASP A 219 -6.26 15.26 1.52
CA ASP A 219 -6.24 14.40 2.71
C ASP A 219 -5.28 15.02 3.73
N SER A 220 -5.86 15.53 4.87
CA SER A 220 -5.10 16.20 5.93
C SER A 220 -4.10 15.29 6.67
N ASN A 221 -4.16 13.96 6.42
CA ASN A 221 -3.17 13.01 6.95
C ASN A 221 -1.82 13.16 6.24
N TYR A 222 -1.79 13.84 5.08
CA TYR A 222 -0.52 14.08 4.39
C TYR A 222 -0.16 15.52 4.72
N ILE A 223 0.86 15.65 5.55
CA ILE A 223 1.35 16.91 6.11
C ILE A 223 2.28 17.63 5.16
N VAL A 224 2.06 18.95 5.01
CA VAL A 224 2.90 19.78 4.16
C VAL A 224 4.28 19.92 4.82
N LYS A 225 5.33 19.50 4.11
CA LYS A 225 6.71 19.62 4.56
C LYS A 225 7.50 20.10 3.35
N GLY A 226 7.52 21.43 3.19
CA GLY A 226 8.16 22.08 2.05
C GLY A 226 7.32 21.88 0.80
N ASN A 227 7.86 21.13 -0.18
CA ASN A 227 7.17 20.82 -1.44
C ASN A 227 6.57 19.40 -1.41
N ALA A 228 6.81 18.67 -0.32
CA ALA A 228 6.30 17.31 -0.13
C ALA A 228 5.07 17.29 0.78
N ARG A 229 4.28 16.22 0.67
CA ARG A 229 3.11 15.98 1.52
C ARG A 229 3.30 14.58 2.04
N LEU A 230 3.53 14.48 3.34
CA LEU A 230 3.96 13.20 3.92
C LEU A 230 3.02 12.65 4.99
N PRO A 231 2.80 11.30 5.02
CA PRO A 231 1.89 10.73 6.01
C PRO A 231 2.66 10.53 7.33
N VAL A 232 2.95 11.64 7.99
CA VAL A 232 3.83 11.73 9.16
C VAL A 232 3.45 10.75 10.27
N LYS A 233 2.15 10.60 10.59
CA LYS A 233 1.76 9.65 11.68
C LYS A 233 2.08 8.17 11.38
N TRP A 234 2.37 7.83 10.11
CA TRP A 234 2.68 6.44 9.77
C TRP A 234 4.17 6.23 9.60
N MET A 235 4.96 7.30 9.59
CA MET A 235 6.39 7.23 9.26
C MET A 235 7.33 6.92 10.41
N ALA A 236 8.37 6.14 10.10
CA ALA A 236 9.42 5.79 11.06
C ALA A 236 10.20 7.07 11.37
N PRO A 237 10.72 7.24 12.60
CA PRO A 237 11.50 8.45 12.91
C PRO A 237 12.64 8.73 11.92
N GLU A 238 13.39 7.70 11.45
CA GLU A 238 14.52 7.91 10.51
C GLU A 238 14.01 8.42 9.15
N SER A 239 12.74 8.07 8.76
CA SER A 239 12.11 8.54 7.53
C SER A 239 11.68 10.01 7.61
N ILE A 240 11.03 10.44 8.71
CA ILE A 240 10.60 11.84 8.86
C ILE A 240 11.79 12.77 8.97
N PHE A 241 12.73 12.43 9.85
CA PHE A 241 13.87 13.28 10.16
C PHE A 241 15.00 13.21 9.12
N ASP A 242 15.48 11.99 8.77
CA ASP A 242 16.63 11.81 7.86
C ASP A 242 16.29 11.49 6.41
N CYS A 243 15.01 11.29 6.10
CA CYS A 243 14.51 10.90 4.77
C CYS A 243 15.11 9.54 4.33
N VAL A 244 15.29 8.64 5.31
CA VAL A 244 15.79 7.28 5.13
C VAL A 244 14.58 6.35 4.97
N TYR A 245 14.53 5.60 3.87
CA TYR A 245 13.45 4.65 3.59
C TYR A 245 14.09 3.31 3.33
N THR A 246 13.75 2.31 4.15
CA THR A 246 14.27 0.93 4.07
C THR A 246 13.11 -0.04 4.31
N VAL A 247 13.39 -1.35 4.22
CA VAL A 247 12.37 -2.35 4.52
C VAL A 247 11.98 -2.18 6.00
N GLN A 248 12.96 -1.83 6.86
CA GLN A 248 12.74 -1.62 8.31
C GLN A 248 11.83 -0.43 8.57
N SER A 249 11.89 0.63 7.73
CA SER A 249 10.97 1.77 7.91
C SER A 249 9.53 1.39 7.47
N ASP A 250 9.40 0.45 6.51
CA ASP A 250 8.09 -0.11 6.14
C ASP A 250 7.53 -0.94 7.30
N VAL A 251 8.42 -1.67 8.02
CA VAL A 251 8.01 -2.45 9.21
C VAL A 251 7.35 -1.52 10.26
N TRP A 252 7.97 -0.37 10.57
CA TRP A 252 7.38 0.62 11.49
C TRP A 252 5.94 0.99 11.05
N SER A 253 5.77 1.36 9.75
CA SER A 253 4.46 1.73 9.20
C SER A 253 3.45 0.58 9.32
N TYR A 254 3.94 -0.64 9.11
CA TYR A 254 3.11 -1.83 9.23
C TYR A 254 2.59 -1.94 10.69
N GLY A 255 3.43 -1.58 11.68
CA GLY A 255 3.02 -1.58 13.09
C GLY A 255 1.90 -0.56 13.30
N ILE A 256 1.99 0.63 12.63
CA ILE A 256 0.92 1.64 12.69
C ILE A 256 -0.37 1.07 12.07
N LEU A 257 -0.21 0.39 10.92
CA LEU A 257 -1.35 -0.24 10.26
C LEU A 257 -1.99 -1.27 11.20
N LEU A 258 -1.18 -2.09 11.90
CA LEU A 258 -1.80 -3.07 12.83
C LEU A 258 -2.65 -2.32 13.86
N TRP A 259 -2.14 -1.19 14.38
CA TRP A 259 -2.89 -0.41 15.35
C TRP A 259 -4.23 0.06 14.75
N GLU A 260 -4.24 0.49 13.48
CA GLU A 260 -5.47 0.89 12.79
C GLU A 260 -6.41 -0.30 12.68
N ILE A 261 -5.89 -1.48 12.33
CA ILE A 261 -6.75 -2.67 12.18
C ILE A 261 -7.41 -3.04 13.53
N PHE A 262 -6.60 -3.15 14.58
CA PHE A 262 -7.07 -3.62 15.88
C PHE A 262 -7.82 -2.57 16.74
N SER A 263 -7.91 -1.33 16.27
CA SER A 263 -8.72 -0.25 16.88
C SER A 263 -9.99 -0.07 16.02
N LEU A 264 -10.10 -0.84 14.91
CA LEU A 264 -11.19 -0.75 13.93
C LEU A 264 -11.22 0.61 13.22
N GLY A 265 -10.04 1.11 12.89
CA GLY A 265 -9.95 2.32 12.06
C GLY A 265 -9.86 3.65 12.74
N LEU A 266 -9.38 3.69 13.99
CA LEU A 266 -9.16 4.98 14.64
C LEU A 266 -7.99 5.69 13.94
N ASN A 267 -7.97 7.03 14.00
CA ASN A 267 -6.84 7.80 13.46
C ASN A 267 -5.66 7.62 14.44
N PRO A 268 -4.43 7.31 13.96
CA PRO A 268 -3.29 7.11 14.89
C PRO A 268 -3.05 8.33 15.75
N TYR A 269 -2.46 8.12 16.95
CA TYR A 269 -2.16 9.16 17.95
C TYR A 269 -3.42 10.02 18.16
N PRO A 270 -4.54 9.37 18.58
CA PRO A 270 -5.84 10.07 18.63
C PRO A 270 -5.85 11.43 19.32
N GLY A 271 -6.34 12.45 18.59
CA GLY A 271 -6.44 13.80 19.10
C GLY A 271 -5.13 14.58 19.22
N ILE A 272 -3.98 13.95 18.86
CA ILE A 272 -2.66 14.60 18.94
C ILE A 272 -2.39 15.21 17.59
N LEU A 273 -2.22 16.53 17.54
CA LEU A 273 -1.94 17.22 16.29
C LEU A 273 -0.48 16.99 15.86
N VAL A 274 -0.24 17.01 14.53
CA VAL A 274 1.11 16.89 13.97
C VAL A 274 1.74 18.30 14.10
N ASN A 275 2.67 18.43 15.05
CA ASN A 275 3.42 19.65 15.32
C ASN A 275 4.73 19.26 16.00
N SER A 276 5.50 20.25 16.49
CA SER A 276 6.80 20.03 17.14
C SER A 276 6.73 19.06 18.31
N LYS A 277 5.70 19.14 19.17
CA LYS A 277 5.52 18.25 20.30
C LYS A 277 5.36 16.80 19.82
N PHE A 278 4.66 16.58 18.69
CA PHE A 278 4.49 15.25 18.11
C PHE A 278 5.86 14.64 17.73
N TYR A 279 6.69 15.39 16.98
CA TYR A 279 8.03 14.90 16.59
C TYR A 279 8.90 14.58 17.80
N LYS A 280 8.83 15.42 18.85
CA LYS A 280 9.55 15.24 20.11
C LYS A 280 9.10 13.98 20.80
N LEU A 281 7.77 13.76 20.88
CA LEU A 281 7.23 12.54 21.48
C LEU A 281 7.72 11.27 20.77
N VAL A 282 7.61 11.19 19.43
CA VAL A 282 8.04 9.99 18.69
C VAL A 282 9.57 9.80 18.78
N LYS A 283 10.35 10.90 18.74
CA LYS A 283 11.81 10.87 18.87
C LYS A 283 12.21 10.29 20.22
N ASP A 284 11.45 10.64 21.27
CA ASP A 284 11.65 10.21 22.65
C ASP A 284 11.11 8.78 22.99
N GLY A 285 10.54 8.08 22.00
CA GLY A 285 10.04 6.72 22.23
C GLY A 285 8.58 6.56 22.62
N TYR A 286 7.76 7.62 22.45
CA TYR A 286 6.33 7.53 22.77
C TYR A 286 5.69 6.50 21.82
N GLN A 287 4.80 5.67 22.35
CA GLN A 287 4.08 4.65 21.59
C GLN A 287 2.63 4.69 21.94
N MET A 288 1.75 4.44 20.94
CA MET A 288 0.32 4.44 21.20
C MET A 288 -0.01 3.29 22.13
N ALA A 289 -1.10 3.47 22.89
CA ALA A 289 -1.63 2.49 23.82
C ALA A 289 -2.20 1.29 23.07
N GLN A 290 -2.29 0.14 23.75
CA GLN A 290 -2.85 -1.09 23.18
C GLN A 290 -4.29 -0.81 22.66
N PRO A 291 -4.60 -1.11 21.37
CA PRO A 291 -5.97 -0.89 20.87
C PRO A 291 -6.96 -1.86 21.48
N ALA A 292 -8.25 -1.47 21.48
CA ALA A 292 -9.32 -2.20 22.14
C ALA A 292 -9.52 -3.64 21.66
N PHE A 293 -9.19 -3.96 20.40
CA PHE A 293 -9.45 -5.34 19.94
C PHE A 293 -8.20 -6.16 19.75
N ALA A 294 -7.05 -5.63 20.17
CA ALA A 294 -5.79 -6.35 20.04
C ALA A 294 -5.52 -7.24 21.23
N PRO A 295 -5.35 -8.55 21.00
CA PRO A 295 -4.83 -9.41 22.08
C PRO A 295 -3.41 -8.89 22.42
N LYS A 296 -2.91 -9.17 23.62
CA LYS A 296 -1.57 -8.73 24.04
C LYS A 296 -0.47 -9.13 23.03
N ASN A 297 -0.52 -10.38 22.50
CA ASN A 297 0.50 -10.85 21.54
C ASN A 297 0.54 -9.99 20.25
N ILE A 298 -0.61 -9.48 19.82
CA ILE A 298 -0.68 -8.61 18.62
C ILE A 298 -0.09 -7.24 18.98
N TYR A 299 -0.40 -6.72 20.17
CA TYR A 299 0.20 -5.45 20.62
C TYR A 299 1.76 -5.59 20.68
N SER A 300 2.27 -6.75 21.10
CA SER A 300 3.72 -7.05 21.14
C SER A 300 4.34 -6.95 19.74
N ILE A 301 3.58 -7.31 18.66
CA ILE A 301 4.09 -7.13 17.29
C ILE A 301 4.25 -5.60 17.01
N MET A 302 3.21 -4.79 17.33
CA MET A 302 3.27 -3.34 17.12
C MET A 302 4.47 -2.72 17.86
N GLN A 303 4.70 -3.12 19.12
CA GLN A 303 5.80 -2.62 19.94
C GLN A 303 7.13 -2.96 19.29
N ALA A 304 7.27 -4.18 18.77
CA ALA A 304 8.51 -4.62 18.10
C ALA A 304 8.72 -3.80 16.79
N CYS A 305 7.64 -3.53 16.03
CA CYS A 305 7.70 -2.70 14.80
C CYS A 305 8.17 -1.29 15.13
N TRP A 306 7.87 -0.84 16.35
CA TRP A 306 8.13 0.52 16.79
C TRP A 306 9.45 0.68 17.54
N ALA A 307 10.36 -0.31 17.43
CA ALA A 307 11.69 -0.14 18.01
C ALA A 307 12.35 1.08 17.39
N LEU A 308 12.98 1.96 18.19
CA LEU A 308 13.65 3.15 17.63
C LEU A 308 14.84 2.76 16.75
N GLU A 309 15.58 1.72 17.17
CA GLU A 309 16.70 1.22 16.39
C GLU A 309 16.12 0.34 15.23
N PRO A 310 16.30 0.73 13.94
CA PRO A 310 15.71 -0.07 12.84
C PRO A 310 16.09 -1.55 12.80
N THR A 311 17.33 -1.91 13.18
CA THR A 311 17.83 -3.29 13.20
C THR A 311 17.22 -4.14 14.32
N HIS A 312 16.55 -3.50 15.31
CA HIS A 312 15.89 -4.23 16.39
C HIS A 312 14.44 -4.56 16.03
N ARG A 313 13.96 -4.09 14.85
CA ARG A 313 12.59 -4.37 14.39
C ARG A 313 12.56 -5.77 13.76
N PRO A 314 11.42 -6.50 13.82
CA PRO A 314 11.37 -7.80 13.13
C PRO A 314 11.35 -7.63 11.63
N THR A 315 11.57 -8.75 10.89
CA THR A 315 11.43 -8.74 9.43
C THR A 315 9.95 -9.07 9.16
N PHE A 316 9.49 -8.82 7.94
CA PHE A 316 8.12 -9.21 7.57
C PHE A 316 7.95 -10.74 7.63
N GLN A 317 8.99 -11.54 7.25
CA GLN A 317 8.90 -12.99 7.36
C GLN A 317 8.69 -13.45 8.84
N GLN A 318 9.38 -12.78 9.77
CA GLN A 318 9.23 -13.07 11.20
C GLN A 318 7.83 -12.70 11.69
N ILE A 319 7.26 -11.61 11.17
CA ILE A 319 5.89 -11.20 11.50
C ILE A 319 4.91 -12.27 10.97
N CYS A 320 5.07 -12.69 9.68
CA CYS A 320 4.22 -13.72 9.07
C CYS A 320 4.18 -14.97 9.96
N SER A 321 5.37 -15.46 10.36
CA SER A 321 5.54 -16.68 11.18
C SER A 321 4.81 -16.55 12.51
N PHE A 322 4.98 -15.42 13.20
CA PHE A 322 4.32 -15.19 14.49
C PHE A 322 2.80 -15.04 14.37
N LEU A 323 2.33 -14.33 13.30
CA LEU A 323 0.89 -14.19 13.07
C LEU A 323 0.22 -15.56 12.84
N GLN A 324 0.91 -16.46 12.11
CA GLN A 324 0.44 -17.85 11.85
C GLN A 324 0.22 -18.61 13.19
N GLU A 325 1.11 -18.38 14.18
CA GLU A 325 1.02 -18.96 15.54
C GLU A 325 -0.22 -18.42 16.29
N GLN A 326 -0.52 -17.12 16.13
CA GLN A 326 -1.69 -16.49 16.77
C GLN A 326 -3.01 -16.98 16.17
N ALA A 327 -3.04 -17.21 14.84
CA ALA A 327 -4.22 -17.72 14.14
C ALA A 327 -4.52 -19.15 14.59
N GLN A 328 -3.50 -20.04 14.60
CA GLN A 328 -3.62 -21.44 15.01
C GLN A 328 -4.05 -21.56 16.47
N GLU A 329 -3.31 -20.91 17.40
CA GLU A 329 -3.59 -20.93 18.83
C GLU A 329 -4.52 -19.78 19.23
C1 M9T B . -13.12 0.78 -4.91
C2 M9T B . -13.80 1.77 -4.19
C3 M9T B . -13.13 2.62 -3.33
C7 M9T B . -9.87 -0.24 -6.10
C8 M9T B . -8.31 -1.09 -7.52
C9 M9T B . -7.54 0.08 -7.44
C10 M9T B . -8.08 1.08 -6.62
C11 M9T B . -6.15 1.86 -7.47
C12 M9T B . -5.46 -0.13 -8.87
C13 M9T B . -7.20 3.29 -5.71
C14 M9T B . -8.48 4.13 -5.80
C15 M9T B . -8.44 5.30 -4.81
C16 M9T B . -8.15 4.82 -3.40
C19 M9T B . -13.17 4.61 -1.97
O M9T B . -5.20 2.58 -7.72
N4 M9T B . -6.36 0.58 -7.96
N1 M9T B . -9.46 -1.27 -6.87
N3 M9T B . -7.21 2.15 -6.65
C18 M9T B . -6.87 2.84 -4.29
C17 M9T B . -6.85 4.06 -3.35
O1 M9T B . -8.08 5.94 -2.51
N2 M9T B . -9.23 0.94 -5.95
N M9T B . -11.04 -0.36 -5.42
C6 M9T B . -11.73 0.64 -4.71
C M9T B . -13.89 -0.13 -5.83
C5 M9T B . -11.06 1.51 -3.82
C4 M9T B . -11.75 2.48 -3.14
O2 M9T B . -13.86 3.58 -2.67
S SO4 C . 1.53 5.02 -32.03
O1 SO4 C . 0.70 5.39 -30.89
O2 SO4 C . 1.16 3.68 -32.48
O3 SO4 C . 2.93 5.09 -31.67
O4 SO4 C . 1.29 5.97 -33.09
S SO4 D . -5.12 -9.22 26.49
O1 SO4 D . -6.54 -8.99 26.31
O2 SO4 D . -4.70 -10.18 25.47
O3 SO4 D . -4.40 -7.96 26.40
O4 SO4 D . -4.81 -9.74 27.79
S SO4 E . -9.35 10.60 9.43
O1 SO4 E . -10.70 10.83 8.94
O2 SO4 E . -8.82 9.38 8.79
O3 SO4 E . -8.47 11.73 9.12
O4 SO4 E . -9.37 10.40 10.88
S SO4 F . 12.58 7.80 -5.82
O1 SO4 F . 11.54 6.78 -6.00
O2 SO4 F . 13.69 7.48 -6.72
O3 SO4 F . 12.03 9.12 -6.15
O4 SO4 F . 13.06 7.84 -4.43
#